data_4HLM
#
_entry.id   4HLM
#
_cell.length_a   93.970
_cell.length_b   95.570
_cell.length_c   118.250
_cell.angle_alpha   90.00
_cell.angle_beta   90.00
_cell.angle_gamma   90.00
#
_symmetry.space_group_name_H-M   'C 2 2 21'
#
loop_
_entity.id
_entity.type
_entity.pdbx_description
1 polymer Tankyrase-2
2 polymer Tankyrase-2
3 non-polymer 'ZINC ION'
4 non-polymer 'SULFATE ION'
5 non-polymer 2-(3,4-dihydroxyphenyl)-4H-chromen-4-one
6 non-polymer GLYCEROL
7 water water
#
loop_
_entity_poly.entity_id
_entity_poly.type
_entity_poly.pdbx_seq_one_letter_code
_entity_poly.pdbx_strand_id
1 'polypeptide(L)'
;MHHHHHHSSGVDLGTENLYFQSMLNTSGSGTILIDLSPDDKEFQSVEEEMQSTVREHRDGGHAGGIFNRYNILKIQKVCN
KKLWERYTHRRKEVSEENHNHANERMLFHGSPFVNAIIHKGFDERHAYIGGMFGAGIYFAENSSKSNQYVYGIGGGTGCP
VHKDRSCYICHRQLLFCRVTLGKSFLQFSAM
;
A,B
2 'polypeptide(L)' KMAHSPPGHHSVTGRPSVNGLALAEYVIYRGEQAYPEYLITYQIMRPEG C,D
#
loop_
_chem_comp.id
_chem_comp.type
_chem_comp.name
_chem_comp.formula
16S non-polymer 2-(3,4-dihydroxyphenyl)-4H-chromen-4-one 'C15 H10 O4'
GOL non-polymer GLYCEROL 'C3 H8 O3'
SO4 non-polymer 'SULFATE ION' 'O4 S -2'
ZN non-polymer 'ZINC ION' 'Zn 2'
#
# COMPACT_ATOMS: atom_id res chain seq x y z
N GLY A 30 29.03 4.26 -22.86
CA GLY A 30 30.21 4.37 -21.94
C GLY A 30 30.20 3.33 -20.83
N THR A 31 29.19 2.46 -20.78
CA THR A 31 29.12 1.51 -19.69
C THR A 31 29.89 0.23 -19.97
N ILE A 32 30.68 -0.22 -18.99
CA ILE A 32 31.21 -1.59 -19.01
C ILE A 32 30.76 -2.39 -17.77
N LEU A 33 30.62 -3.69 -17.96
CA LEU A 33 30.29 -4.63 -16.90
C LEU A 33 31.46 -5.58 -16.58
N ILE A 34 31.95 -5.54 -15.35
CA ILE A 34 33.02 -6.46 -14.89
C ILE A 34 32.48 -7.57 -13.98
N ASP A 35 32.67 -8.82 -14.39
CA ASP A 35 32.31 -10.01 -13.60
C ASP A 35 33.13 -10.14 -12.35
N LEU A 36 32.48 -10.33 -11.21
CA LEU A 36 33.21 -10.56 -9.98
C LEU A 36 33.33 -12.07 -9.81
N SER A 37 34.47 -12.50 -9.29
CA SER A 37 34.70 -13.90 -8.97
C SER A 37 33.94 -14.23 -7.71
N PRO A 38 33.38 -15.45 -7.60
CA PRO A 38 32.78 -15.86 -6.33
C PRO A 38 33.75 -15.89 -5.16
N ASP A 39 35.05 -15.95 -5.43
CA ASP A 39 36.08 -15.87 -4.39
C ASP A 39 36.32 -14.45 -3.87
N ASP A 40 35.79 -13.43 -4.52
CA ASP A 40 36.09 -12.02 -4.21
C ASP A 40 35.21 -11.56 -3.03
N LYS A 41 35.81 -10.86 -2.06
CA LYS A 41 35.07 -10.38 -0.88
C LYS A 41 33.89 -9.44 -1.21
N GLU A 42 34.02 -8.71 -2.32
CA GLU A 42 33.01 -7.81 -2.79
C GLU A 42 31.81 -8.56 -3.36
N PHE A 43 32.06 -9.63 -4.12
CA PHE A 43 31.01 -10.56 -4.57
C PHE A 43 30.30 -11.10 -3.35
N GLN A 44 31.10 -11.52 -2.36
CA GLN A 44 30.56 -12.10 -1.17
C GLN A 44 29.73 -11.12 -0.32
N SER A 45 30.13 -9.85 -0.22
CA SER A 45 29.35 -8.87 0.58
C SER A 45 28.06 -8.42 -0.13
N VAL A 46 28.10 -8.30 -1.44
CA VAL A 46 26.89 -8.01 -2.24
C VAL A 46 25.93 -9.21 -2.24
N GLU A 47 26.44 -10.45 -2.44
CA GLU A 47 25.60 -11.65 -2.33
C GLU A 47 24.95 -11.66 -0.96
N GLU A 48 25.73 -11.40 0.09
CA GLU A 48 25.16 -11.40 1.45
C GLU A 48 24.04 -10.35 1.64
N GLU A 49 24.16 -9.15 1.08
CA GLU A 49 23.12 -8.12 1.24
C GLU A 49 21.88 -8.52 0.45
N MET A 50 22.11 -9.09 -0.72
CA MET A 50 21.06 -9.72 -1.51
C MET A 50 20.32 -10.83 -0.76
N GLN A 51 21.06 -11.83 -0.27
CA GLN A 51 20.46 -12.99 0.39
C GLN A 51 19.84 -12.59 1.73
N SER A 52 20.51 -11.74 2.52
CA SER A 52 20.06 -11.38 3.86
C SER A 52 18.88 -10.41 3.94
N THR A 53 18.54 -9.73 2.84
CA THR A 53 17.42 -8.82 2.85
C THR A 53 16.21 -9.37 2.11
N VAL A 54 16.20 -10.67 1.83
CA VAL A 54 14.98 -11.37 1.39
C VAL A 54 14.02 -11.38 2.57
N ARG A 55 12.78 -11.01 2.32
CA ARG A 55 11.70 -11.16 3.28
C ARG A 55 10.54 -11.78 2.56
N GLU A 56 9.60 -12.28 3.33
CA GLU A 56 8.29 -12.63 2.80
C GLU A 56 7.50 -11.34 2.50
N HIS A 57 6.68 -11.41 1.47
CA HIS A 57 5.88 -10.28 1.04
C HIS A 57 4.44 -10.57 1.24
N ARG A 58 3.68 -9.50 1.41
CA ARG A 58 2.28 -9.61 1.79
C ARG A 58 1.41 -10.13 0.65
N ASP A 59 1.93 -10.15 -0.58
CA ASP A 59 1.24 -10.79 -1.70
C ASP A 59 1.50 -12.30 -1.88
N GLY A 60 2.10 -12.93 -0.87
CA GLY A 60 2.42 -14.36 -0.91
C GLY A 60 3.29 -14.84 -2.08
N GLY A 61 3.98 -13.92 -2.74
CA GLY A 61 4.83 -14.25 -3.87
C GLY A 61 4.22 -13.97 -5.23
N HIS A 62 3.05 -13.34 -5.24
CA HIS A 62 2.35 -13.10 -6.50
C HIS A 62 3.17 -12.31 -7.47
N ALA A 63 3.74 -11.21 -6.99
CA ALA A 63 4.47 -10.32 -7.83
C ALA A 63 5.84 -10.88 -8.17
N GLY A 64 6.58 -11.39 -7.19
CA GLY A 64 7.99 -11.80 -7.38
C GLY A 64 8.35 -13.29 -7.40
N GLY A 65 7.42 -14.15 -7.01
CA GLY A 65 7.69 -15.59 -6.93
C GLY A 65 7.85 -16.05 -5.50
N ILE A 66 7.85 -17.37 -5.30
CA ILE A 66 8.04 -17.98 -4.00
C ILE A 66 9.47 -18.53 -3.88
N PHE A 67 10.21 -18.02 -2.90
CA PHE A 67 11.62 -18.37 -2.69
C PHE A 67 12.06 -17.82 -1.34
N ASN A 68 13.09 -18.43 -0.76
CA ASN A 68 13.75 -17.92 0.44
C ASN A 68 15.14 -17.45 0.18
N ARG A 69 15.69 -17.85 -0.95
CA ARG A 69 17.05 -17.52 -1.28
C ARG A 69 17.18 -17.52 -2.78
N TYR A 70 18.30 -16.99 -3.24
CA TYR A 70 18.59 -16.97 -4.66
C TYR A 70 19.72 -17.96 -5.03
N ASN A 71 19.76 -18.37 -6.29
CA ASN A 71 20.97 -18.94 -6.91
C ASN A 71 21.62 -17.77 -7.62
N ILE A 72 22.72 -17.25 -7.09
CA ILE A 72 23.36 -16.11 -7.71
C ILE A 72 24.22 -16.70 -8.82
N LEU A 73 23.97 -16.27 -10.04
CA LEU A 73 24.65 -16.83 -11.20
C LEU A 73 25.82 -15.95 -11.57
N LYS A 74 25.68 -14.66 -11.33
CA LYS A 74 26.69 -13.68 -11.71
C LYS A 74 26.47 -12.33 -10.99
N ILE A 75 27.58 -11.67 -10.61
CA ILE A 75 27.51 -10.30 -10.08
C ILE A 75 28.51 -9.48 -10.87
N GLN A 76 28.05 -8.42 -11.52
CA GLN A 76 28.86 -7.51 -12.32
C GLN A 76 28.87 -6.08 -11.76
N LYS A 77 30.05 -5.48 -11.68
CA LYS A 77 30.20 -4.08 -11.34
C LYS A 77 29.92 -3.21 -12.56
N VAL A 78 29.14 -2.15 -12.37
CA VAL A 78 28.72 -1.26 -13.43
C VAL A 78 29.59 -0.01 -13.36
N CYS A 79 30.29 0.30 -14.45
CA CYS A 79 31.19 1.45 -14.48
C CYS A 79 30.81 2.33 -15.66
N ASN A 80 30.45 3.58 -15.36
CA ASN A 80 30.21 4.62 -16.35
C ASN A 80 30.61 5.99 -15.78
N LYS A 81 31.67 6.56 -16.32
CA LYS A 81 32.25 7.79 -15.78
C LYS A 81 31.30 8.99 -15.78
N LYS A 82 30.61 9.21 -16.89
CA LYS A 82 29.70 10.35 -17.02
C LYS A 82 28.56 10.28 -15.98
N LEU A 83 27.98 9.10 -15.82
CA LEU A 83 26.86 8.93 -14.92
C LEU A 83 27.32 9.14 -13.47
N TRP A 84 28.53 8.67 -13.15
CA TRP A 84 29.11 8.84 -11.81
C TRP A 84 29.29 10.31 -11.45
N GLU A 85 29.78 11.10 -12.40
CA GLU A 85 30.02 12.52 -12.15
C GLU A 85 28.74 13.34 -12.01
N ARG A 86 27.73 12.98 -12.79
CA ARG A 86 26.40 13.52 -12.63
C ARG A 86 25.88 13.28 -11.20
N TYR A 87 26.10 12.06 -10.70
CA TYR A 87 25.70 11.72 -9.32
C TYR A 87 26.46 12.56 -8.27
N THR A 88 27.78 12.59 -8.35
CA THR A 88 28.58 13.28 -7.32
C THR A 88 28.32 14.81 -7.30
N HIS A 89 28.00 15.41 -8.45
CA HIS A 89 27.67 16.84 -8.53
C HIS A 89 26.45 17.16 -7.73
N ARG A 90 25.40 16.38 -7.96
CA ARG A 90 24.16 16.59 -7.23
C ARG A 90 24.38 16.28 -5.74
N ARG A 91 25.20 15.27 -5.45
CA ARG A 91 25.47 14.88 -4.08
C ARG A 91 26.05 16.07 -3.27
N LYS A 92 26.97 16.81 -3.88
CA LYS A 92 27.57 18.01 -3.26
C LYS A 92 26.55 19.16 -3.02
N GLU A 93 25.68 19.43 -3.99
CA GLU A 93 24.65 20.45 -3.82
C GLU A 93 23.75 20.14 -2.64
N VAL A 94 23.35 18.86 -2.54
CA VAL A 94 22.48 18.40 -1.47
C VAL A 94 23.19 18.56 -0.13
N SER A 95 24.42 18.06 -0.07
CA SER A 95 25.25 18.12 1.12
C SER A 95 25.39 19.57 1.65
N GLU A 96 25.62 20.51 0.74
CA GLU A 96 25.80 21.89 1.15
C GLU A 96 24.52 22.58 1.61
N GLU A 97 23.35 22.08 1.17
CA GLU A 97 22.06 22.53 1.67
C GLU A 97 21.66 21.82 2.99
N ASN A 98 22.51 20.91 3.49
CA ASN A 98 22.14 20.04 4.60
C ASN A 98 23.30 19.81 5.56
N HIS A 99 23.91 20.91 6.01
CA HIS A 99 25.05 20.88 6.93
C HIS A 99 26.07 19.81 6.61
N ASN A 100 26.47 19.74 5.34
CA ASN A 100 27.53 18.82 4.86
C ASN A 100 27.28 17.32 5.06
N HIS A 101 26.03 16.93 4.88
CA HIS A 101 25.60 15.55 5.01
C HIS A 101 24.74 15.14 3.84
N ALA A 102 25.29 14.28 2.96
CA ALA A 102 24.57 13.78 1.78
C ALA A 102 23.47 12.80 2.16
N ASN A 103 23.68 12.10 3.28
CA ASN A 103 22.78 11.02 3.70
C ASN A 103 22.66 9.95 2.60
N GLU A 104 23.80 9.34 2.28
CA GLU A 104 23.92 8.34 1.18
C GLU A 104 23.72 6.89 1.63
N ARG A 105 22.94 6.13 0.83
CA ARG A 105 22.57 4.74 1.13
C ARG A 105 22.86 3.79 -0.06
N MET A 106 22.98 2.48 0.21
CA MET A 106 23.03 1.44 -0.86
C MET A 106 21.71 0.68 -0.84
N LEU A 107 21.00 0.73 -1.96
CA LEU A 107 19.59 0.30 -2.05
C LEU A 107 19.33 -0.45 -3.37
N PHE A 108 18.32 -1.32 -3.39
CA PHE A 108 18.02 -2.12 -4.57
C PHE A 108 17.05 -1.42 -5.51
N HIS A 109 17.12 -1.75 -6.80
CA HIS A 109 16.14 -1.26 -7.78
C HIS A 109 15.90 -2.36 -8.79
N GLY A 110 14.64 -2.68 -9.05
CA GLY A 110 14.31 -3.75 -9.97
C GLY A 110 13.39 -3.24 -11.07
N SER A 111 13.64 -3.65 -12.31
CA SER A 111 12.89 -3.08 -13.43
C SER A 111 13.15 -3.82 -14.73
N PRO A 112 12.17 -3.80 -15.65
CA PRO A 112 12.49 -4.38 -16.97
C PRO A 112 13.47 -3.53 -17.76
N PHE A 113 13.80 -2.34 -17.25
CA PHE A 113 14.66 -1.42 -18.00
C PHE A 113 16.05 -1.30 -17.40
N VAL A 114 16.46 -2.29 -16.60
CA VAL A 114 17.78 -2.22 -15.96
C VAL A 114 18.88 -2.18 -17.00
N ASN A 115 18.64 -2.74 -18.18
CA ASN A 115 19.67 -2.68 -19.21
C ASN A 115 19.75 -1.29 -19.84
N ALA A 116 18.65 -0.54 -19.91
CA ALA A 116 18.70 0.90 -20.25
C ALA A 116 19.28 1.82 -19.14
N ILE A 117 18.92 1.54 -17.89
CA ILE A 117 19.41 2.34 -16.77
C ILE A 117 20.92 2.29 -16.71
N ILE A 118 21.52 1.11 -16.88
CA ILE A 118 22.96 0.99 -16.72
C ILE A 118 23.69 1.73 -17.83
N HIS A 119 23.02 1.99 -18.96
CA HIS A 119 23.62 2.70 -20.10
C HIS A 119 23.36 4.19 -20.09
N LYS A 120 22.14 4.63 -19.76
CA LYS A 120 21.71 6.05 -19.83
C LYS A 120 21.43 6.73 -18.48
N GLY A 121 21.42 5.96 -17.39
CA GLY A 121 21.17 6.51 -16.07
C GLY A 121 19.71 6.55 -15.71
N PHE A 122 19.42 6.95 -14.47
CA PHE A 122 18.02 7.17 -14.07
C PHE A 122 17.52 8.52 -14.58
N ASP A 123 16.25 8.58 -14.96
CA ASP A 123 15.58 9.82 -15.38
C ASP A 123 14.07 9.62 -15.24
N GLU A 124 13.27 10.61 -15.68
CA GLU A 124 11.81 10.53 -15.50
C GLU A 124 11.13 9.30 -16.16
N ARG A 125 11.78 8.66 -17.12
CA ARG A 125 11.25 7.42 -17.71
C ARG A 125 11.30 6.22 -16.75
N HIS A 126 12.03 6.37 -15.64
CA HIS A 126 12.13 5.29 -14.64
C HIS A 126 11.33 5.60 -13.40
N ALA A 127 10.52 6.67 -13.49
CA ALA A 127 9.71 7.15 -12.38
C ALA A 127 8.43 6.35 -12.31
N TYR A 128 8.00 6.09 -11.09
CA TYR A 128 6.79 5.34 -10.84
C TYR A 128 5.72 6.41 -10.65
N ILE A 129 5.02 6.73 -11.74
CA ILE A 129 4.09 7.85 -11.71
C ILE A 129 3.01 7.60 -10.68
N GLY A 130 2.62 6.34 -10.52
CA GLY A 130 1.59 5.98 -9.55
C GLY A 130 2.07 5.59 -8.17
N GLY A 131 3.33 5.87 -7.83
CA GLY A 131 3.84 5.44 -6.52
C GLY A 131 3.23 6.20 -5.34
N MET A 132 3.29 5.59 -4.16
CA MET A 132 2.67 6.09 -2.92
C MET A 132 3.14 7.49 -2.48
N PHE A 133 4.33 7.86 -2.89
CA PHE A 133 4.97 9.10 -2.45
C PHE A 133 5.14 10.07 -3.60
N GLY A 134 4.33 9.89 -4.64
CA GLY A 134 4.32 10.79 -5.79
C GLY A 134 5.19 10.30 -6.92
N ALA A 135 5.18 11.06 -8.00
CA ALA A 135 5.90 10.69 -9.20
C ALA A 135 7.40 10.88 -9.00
N GLY A 136 8.08 9.80 -8.62
CA GLY A 136 9.53 9.77 -8.50
C GLY A 136 10.14 8.39 -8.75
N ILE A 137 11.41 8.25 -8.41
CA ILE A 137 12.12 7.01 -8.65
C ILE A 137 12.33 6.33 -7.32
N TYR A 138 11.94 5.08 -7.26
CA TYR A 138 11.80 4.32 -6.03
C TYR A 138 12.94 3.31 -5.83
N PHE A 139 13.37 3.17 -4.59
CA PHE A 139 14.43 2.23 -4.18
C PHE A 139 14.03 1.50 -2.91
N ALA A 140 14.58 0.30 -2.69
CA ALA A 140 14.26 -0.55 -1.53
C ALA A 140 15.48 -1.02 -0.75
N GLU A 141 15.33 -1.12 0.57
CA GLU A 141 16.32 -1.84 1.41
C GLU A 141 16.18 -3.37 1.26
N ASN A 142 14.97 -3.87 1.06
CA ASN A 142 14.78 -5.31 0.82
C ASN A 142 14.98 -5.71 -0.66
N SER A 143 15.92 -6.62 -0.93
CA SER A 143 16.13 -7.14 -2.29
C SER A 143 14.85 -7.76 -2.86
N SER A 144 14.10 -8.43 -2.01
CA SER A 144 12.92 -9.11 -2.49
C SER A 144 11.80 -8.13 -2.87
N LYS A 145 11.82 -6.90 -2.33
CA LYS A 145 10.88 -5.83 -2.75
C LYS A 145 11.20 -5.38 -4.17
N SER A 146 12.47 -5.10 -4.46
CA SER A 146 12.84 -4.80 -5.85
C SER A 146 12.59 -6.00 -6.82
N ASN A 147 12.72 -7.23 -6.34
CA ASN A 147 12.46 -8.43 -7.20
C ASN A 147 11.04 -8.44 -7.75
N GLN A 148 10.11 -7.83 -7.00
CA GLN A 148 8.72 -7.72 -7.43
C GLN A 148 8.49 -6.83 -8.64
N TYR A 149 9.45 -5.99 -8.98
CA TYR A 149 9.33 -5.05 -10.08
C TYR A 149 10.16 -5.46 -11.32
N VAL A 150 10.92 -6.55 -11.22
CA VAL A 150 11.81 -7.02 -12.31
C VAL A 150 11.04 -7.26 -13.63
N TYR A 151 9.89 -7.91 -13.54
CA TYR A 151 9.11 -8.17 -14.76
C TYR A 151 7.98 -7.12 -14.99
N GLY A 152 8.00 -6.05 -14.19
CA GLY A 152 7.08 -4.90 -14.36
C GLY A 152 6.38 -4.55 -13.05
N ILE A 153 5.54 -3.50 -13.06
CA ILE A 153 4.75 -3.12 -11.89
C ILE A 153 3.87 -4.32 -11.52
N GLY A 154 3.90 -4.73 -10.26
CA GLY A 154 3.22 -5.95 -9.82
C GLY A 154 3.77 -7.24 -10.41
N GLY A 155 4.97 -7.20 -10.98
CA GLY A 155 5.51 -8.39 -11.65
C GLY A 155 5.08 -8.57 -13.11
N GLY A 156 4.31 -7.61 -13.63
CA GLY A 156 3.78 -7.69 -15.00
C GLY A 156 3.16 -9.04 -15.29
N THR A 157 3.50 -9.63 -16.44
CA THR A 157 3.08 -10.99 -16.79
C THR A 157 4.14 -12.08 -16.57
N GLY A 158 5.13 -11.83 -15.72
CA GLY A 158 6.17 -12.81 -15.43
C GLY A 158 7.22 -12.89 -16.52
N CYS A 159 7.98 -13.99 -16.53
CA CYS A 159 9.10 -14.14 -17.45
C CYS A 159 8.64 -14.09 -18.91
N PRO A 160 9.48 -13.57 -19.82
CA PRO A 160 9.10 -13.59 -21.24
C PRO A 160 8.88 -15.00 -21.84
N VAL A 161 9.67 -15.99 -21.41
CA VAL A 161 9.69 -17.32 -22.03
C VAL A 161 8.54 -18.22 -21.59
N HIS A 162 8.26 -18.25 -20.28
CA HIS A 162 7.23 -19.12 -19.73
C HIS A 162 6.02 -18.38 -19.23
N LYS A 163 6.04 -17.05 -19.23
CA LYS A 163 4.96 -16.21 -18.64
C LYS A 163 4.68 -16.55 -17.17
N ASP A 164 5.75 -16.78 -16.42
CA ASP A 164 5.65 -17.25 -15.03
C ASP A 164 6.31 -16.22 -14.07
N ARG A 165 5.53 -15.55 -13.22
CA ARG A 165 6.11 -14.62 -12.23
C ARG A 165 6.98 -15.34 -11.19
N SER A 166 6.76 -16.65 -11.01
CA SER A 166 7.61 -17.49 -10.17
C SER A 166 8.57 -18.43 -10.93
N CYS A 167 8.99 -18.07 -12.14
CA CYS A 167 9.88 -18.95 -12.90
C CYS A 167 11.19 -19.23 -12.16
N TYR A 168 11.52 -20.52 -12.06
CA TYR A 168 12.77 -20.97 -11.44
C TYR A 168 13.86 -21.29 -12.43
N ILE A 169 13.55 -21.17 -13.73
CA ILE A 169 14.47 -21.52 -14.80
C ILE A 169 15.11 -20.26 -15.35
N CYS A 170 14.29 -19.27 -15.67
CA CYS A 170 14.73 -18.04 -16.31
C CYS A 170 15.60 -17.15 -15.40
N HIS A 171 16.55 -16.46 -16.03
CA HIS A 171 17.51 -15.61 -15.34
C HIS A 171 16.94 -14.22 -15.11
N ARG A 172 17.07 -13.70 -13.89
CA ARG A 172 16.57 -12.36 -13.52
C ARG A 172 17.70 -11.42 -13.19
N GLN A 173 17.43 -10.12 -13.22
CA GLN A 173 18.44 -9.11 -12.87
C GLN A 173 17.93 -7.95 -11.98
N LEU A 174 18.69 -7.61 -10.94
CA LEU A 174 18.44 -6.44 -10.07
C LEU A 174 19.64 -5.49 -10.12
N LEU A 175 19.41 -4.20 -9.83
CA LEU A 175 20.47 -3.22 -9.56
C LEU A 175 20.65 -2.98 -8.04
N PHE A 176 21.89 -2.94 -7.57
CA PHE A 176 22.23 -2.46 -6.21
C PHE A 176 22.92 -1.09 -6.38
N CYS A 177 22.29 -0.04 -5.86
CA CYS A 177 22.54 1.37 -6.25
C CYS A 177 22.97 2.27 -5.09
N ARG A 178 23.73 3.29 -5.41
CA ARG A 178 24.12 4.31 -4.42
C ARG A 178 23.14 5.49 -4.58
N VAL A 179 22.49 5.89 -3.47
CA VAL A 179 21.41 6.89 -3.51
C VAL A 179 21.60 8.03 -2.47
N THR A 180 21.45 9.29 -2.93
CA THR A 180 21.57 10.46 -2.04
C THR A 180 20.22 10.91 -1.54
N LEU A 181 20.00 10.85 -0.23
CA LEU A 181 18.71 11.27 0.33
C LEU A 181 18.65 12.73 0.85
N GLY A 182 19.78 13.31 1.23
CA GLY A 182 19.80 14.64 1.85
C GLY A 182 18.83 14.77 3.03
N LYS A 183 18.18 15.93 3.15
CA LYS A 183 17.10 16.12 4.12
C LYS A 183 15.88 15.41 3.59
N SER A 184 15.52 14.32 4.24
CA SER A 184 14.48 13.48 3.74
C SER A 184 13.22 13.77 4.53
N PHE A 185 12.14 13.94 3.80
CA PHE A 185 10.83 14.14 4.43
C PHE A 185 10.35 12.78 4.90
N LEU A 186 10.14 12.66 6.21
CA LEU A 186 9.72 11.40 6.80
C LEU A 186 8.21 11.26 6.63
N GLN A 187 7.80 10.29 5.82
CA GLN A 187 6.40 9.92 5.62
C GLN A 187 6.16 8.59 6.31
N PHE A 188 5.33 8.60 7.35
CA PHE A 188 4.93 7.37 8.02
C PHE A 188 3.85 6.75 7.13
N SER A 189 3.84 5.42 7.00
CA SER A 189 2.91 4.79 6.04
C SER A 189 2.87 3.27 6.10
N ALA A 190 1.75 2.70 5.63
CA ALA A 190 1.61 1.25 5.38
C ALA A 190 1.15 0.99 3.94
N MET B 2 7.75 14.04 -13.64
CA MET B 2 8.24 13.76 -12.29
C MET B 2 7.87 14.92 -11.34
N ALA B 3 7.41 14.59 -10.13
CA ALA B 3 6.99 15.61 -9.17
C ALA B 3 8.20 16.29 -8.51
N HIS B 4 7.93 17.28 -7.65
CA HIS B 4 8.97 17.94 -6.84
C HIS B 4 9.00 17.37 -5.45
N SER B 5 10.17 17.45 -4.80
CA SER B 5 10.30 17.03 -3.41
C SER B 5 9.60 18.08 -2.53
N PRO B 6 9.15 17.67 -1.34
CA PRO B 6 8.46 18.66 -0.50
C PRO B 6 9.34 19.87 -0.18
N PRO B 7 8.77 21.10 -0.29
CA PRO B 7 9.57 22.33 -0.07
C PRO B 7 10.45 22.23 1.17
N GLY B 8 11.75 22.43 0.99
CA GLY B 8 12.71 22.29 2.07
C GLY B 8 13.34 20.90 2.21
N HIS B 9 13.05 19.97 1.29
CA HIS B 9 13.54 18.58 1.39
C HIS B 9 14.12 18.03 0.09
N HIS B 10 14.95 16.98 0.17
CA HIS B 10 15.59 16.38 -1.04
C HIS B 10 15.13 14.99 -1.46
N SER B 11 14.31 14.37 -0.64
CA SER B 11 13.83 13.02 -0.89
C SER B 11 12.70 12.77 0.04
N VAL B 12 12.04 11.62 -0.15
CA VAL B 12 11.05 11.15 0.78
C VAL B 12 11.47 9.78 1.28
N THR B 13 11.30 9.58 2.58
CA THR B 13 11.49 8.28 3.21
C THR B 13 10.11 7.72 3.52
N GLY B 14 9.83 6.56 2.95
CA GLY B 14 8.62 5.80 3.25
C GLY B 14 8.93 4.86 4.39
N ARG B 15 8.59 5.29 5.61
CA ARG B 15 8.84 4.47 6.80
CA ARG B 15 8.83 4.48 6.80
C ARG B 15 7.70 3.46 6.95
N PRO B 16 8.04 2.17 7.09
CA PRO B 16 6.93 1.24 7.30
C PRO B 16 6.28 1.45 8.66
N SER B 17 4.95 1.56 8.71
CA SER B 17 4.23 1.76 9.99
C SER B 17 3.17 0.67 10.27
N VAL B 18 3.32 -0.52 9.66
CA VAL B 18 2.43 -1.65 9.92
C VAL B 18 3.19 -2.99 9.91
N ASN B 19 3.76 -3.33 8.75
CA ASN B 19 4.59 -4.53 8.59
C ASN B 19 5.92 -4.31 9.31
N GLY B 20 5.99 -4.90 10.50
CA GLY B 20 7.17 -4.82 11.34
C GLY B 20 8.43 -5.44 10.77
N LEU B 21 8.34 -6.28 9.74
CA LEU B 21 9.54 -6.89 9.17
C LEU B 21 10.08 -6.14 7.93
N ALA B 22 9.30 -5.21 7.41
CA ALA B 22 9.66 -4.49 6.18
C ALA B 22 10.72 -3.45 6.47
N LEU B 23 11.69 -3.37 5.57
CA LEU B 23 12.63 -2.27 5.59
C LEU B 23 12.05 -1.08 4.82
N ALA B 24 12.71 0.07 4.92
CA ALA B 24 12.25 1.31 4.30
C ALA B 24 12.35 1.28 2.79
N GLU B 25 11.60 2.19 2.19
CA GLU B 25 11.65 2.52 0.78
C GLU B 25 11.86 4.03 0.66
N TYR B 26 12.43 4.44 -0.45
CA TYR B 26 12.87 5.82 -0.61
C TYR B 26 12.54 6.29 -2.00
N VAL B 27 12.27 7.60 -2.11
CA VAL B 27 11.92 8.22 -3.37
C VAL B 27 12.77 9.47 -3.56
N ILE B 28 13.37 9.56 -4.75
CA ILE B 28 14.06 10.76 -5.17
C ILE B 28 13.32 11.36 -6.37
N TYR B 29 13.48 12.66 -6.56
CA TYR B 29 12.73 13.39 -7.59
C TYR B 29 13.62 13.92 -8.70
N ARG B 30 14.91 13.58 -8.60
CA ARG B 30 15.91 13.96 -9.57
C ARG B 30 16.69 12.66 -9.88
N GLY B 31 16.79 12.26 -11.14
CA GLY B 31 17.51 11.00 -11.48
C GLY B 31 18.99 11.01 -11.12
N GLU B 32 19.54 12.21 -11.03
CA GLU B 32 20.94 12.43 -10.67
C GLU B 32 21.27 12.10 -9.22
N GLN B 33 20.25 11.88 -8.38
CA GLN B 33 20.47 11.46 -7.00
C GLN B 33 20.69 9.93 -6.79
N ALA B 34 20.86 9.13 -7.86
CA ALA B 34 21.20 7.70 -7.72
C ALA B 34 22.18 7.21 -8.79
N TYR B 35 23.00 6.23 -8.44
CA TYR B 35 23.96 5.59 -9.37
C TYR B 35 23.92 4.04 -9.27
N PRO B 36 23.74 3.32 -10.40
CA PRO B 36 23.65 1.85 -10.40
C PRO B 36 25.00 1.14 -10.28
N GLU B 37 25.39 0.69 -9.09
CA GLU B 37 26.71 0.12 -8.83
C GLU B 37 26.91 -1.34 -9.25
N TYR B 38 25.94 -2.21 -8.95
CA TYR B 38 26.06 -3.64 -9.30
C TYR B 38 24.86 -4.16 -10.05
N LEU B 39 25.13 -5.01 -11.05
CA LEU B 39 24.09 -5.77 -11.79
C LEU B 39 24.17 -7.26 -11.39
N ILE B 40 23.10 -7.75 -10.80
CA ILE B 40 23.10 -9.06 -10.17
C ILE B 40 22.18 -9.95 -11.01
N THR B 41 22.72 -11.06 -11.53
CA THR B 41 21.96 -12.05 -12.32
C THR B 41 21.71 -13.31 -11.48
N TYR B 42 20.48 -13.75 -11.43
CA TYR B 42 20.12 -14.71 -10.43
C TYR B 42 18.90 -15.48 -10.87
N GLN B 43 18.71 -16.63 -10.23
CA GLN B 43 17.44 -17.29 -10.26
C GLN B 43 16.89 -17.28 -8.84
N ILE B 44 15.58 -17.18 -8.72
CA ILE B 44 14.95 -17.50 -7.45
C ILE B 44 15.02 -19.05 -7.31
N MET B 45 15.21 -19.55 -6.10
CA MET B 45 15.32 -21.00 -5.88
C MET B 45 14.04 -21.54 -5.30
N ARG B 46 13.58 -22.69 -5.81
CA ARG B 46 12.39 -23.35 -5.30
C ARG B 46 12.72 -23.90 -3.92
N PRO B 47 11.95 -23.50 -2.90
CA PRO B 47 12.15 -24.10 -1.57
C PRO B 47 12.01 -25.62 -1.60
N GLU B 48 12.80 -26.32 -0.78
CA GLU B 48 12.78 -27.79 -0.77
C GLU B 48 11.60 -28.35 0.01
N GLY C 30 -2.73 -16.70 6.52
CA GLY C 30 -3.20 -17.15 5.18
C GLY C 30 -3.80 -16.06 4.32
N THR C 31 -3.62 -14.80 4.72
CA THR C 31 -4.14 -13.65 3.97
C THR C 31 -3.07 -13.20 3.00
N ILE C 32 -3.44 -13.00 1.74
CA ILE C 32 -2.57 -12.32 0.79
C ILE C 32 -3.27 -11.06 0.23
N LEU C 33 -2.47 -10.03 -0.02
CA LEU C 33 -2.96 -8.75 -0.54
C LEU C 33 -2.38 -8.59 -1.93
N ILE C 34 -3.24 -8.43 -2.93
CA ILE C 34 -2.80 -8.29 -4.32
C ILE C 34 -3.09 -6.87 -4.80
N ASP C 35 -2.09 -6.15 -5.26
CA ASP C 35 -2.30 -4.78 -5.75
C ASP C 35 -3.14 -4.77 -7.00
N LEU C 36 -4.05 -3.82 -7.08
CA LEU C 36 -4.76 -3.59 -8.31
C LEU C 36 -4.06 -2.48 -9.06
N SER C 37 -3.90 -2.64 -10.37
CA SER C 37 -3.36 -1.57 -11.18
C SER C 37 -4.39 -0.44 -11.33
N PRO C 38 -3.93 0.81 -11.29
CA PRO C 38 -4.85 1.94 -11.55
C PRO C 38 -5.50 1.93 -12.92
N ASP C 39 -4.94 1.18 -13.87
CA ASP C 39 -5.49 1.07 -15.22
C ASP C 39 -6.54 -0.02 -15.35
N ASP C 40 -6.71 -0.80 -14.29
CA ASP C 40 -7.70 -1.85 -14.19
C ASP C 40 -9.07 -1.19 -13.93
N LYS C 41 -10.09 -1.64 -14.63
CA LYS C 41 -11.44 -1.18 -14.39
C LYS C 41 -11.87 -1.39 -12.93
N GLU C 42 -11.41 -2.46 -12.32
CA GLU C 42 -11.69 -2.73 -10.89
C GLU C 42 -11.19 -1.59 -9.97
N PHE C 43 -9.96 -1.17 -10.12
CA PHE C 43 -9.41 -0.05 -9.34
C PHE C 43 -10.26 1.20 -9.54
N GLN C 44 -10.57 1.50 -10.79
CA GLN C 44 -11.28 2.73 -11.14
C GLN C 44 -12.67 2.81 -10.52
N SER C 45 -13.32 1.67 -10.46
CA SER C 45 -14.64 1.56 -9.86
C SER C 45 -14.59 1.84 -8.34
N VAL C 46 -13.59 1.29 -7.67
CA VAL C 46 -13.43 1.50 -6.24
C VAL C 46 -13.11 2.98 -5.93
N GLU C 47 -12.21 3.59 -6.69
CA GLU C 47 -11.96 5.02 -6.52
C GLU C 47 -13.23 5.92 -6.73
N GLU C 48 -13.99 5.67 -7.79
CA GLU C 48 -15.18 6.50 -8.05
C GLU C 48 -16.19 6.40 -6.89
N GLU C 49 -16.31 5.22 -6.31
CA GLU C 49 -17.13 5.01 -5.13
C GLU C 49 -16.66 5.88 -3.94
N MET C 50 -15.35 5.89 -3.67
CA MET C 50 -14.77 6.78 -2.63
C MET C 50 -15.07 8.26 -2.85
N GLN C 51 -14.71 8.75 -4.04
CA GLN C 51 -14.81 10.17 -4.36
C GLN C 51 -16.24 10.69 -4.43
N SER C 52 -17.14 9.92 -5.02
CA SER C 52 -18.49 10.40 -5.27
C SER C 52 -19.32 10.41 -3.99
N THR C 53 -18.80 9.85 -2.90
CA THR C 53 -19.55 9.78 -1.66
C THR C 53 -18.97 10.67 -0.52
N VAL C 54 -18.13 11.65 -0.86
CA VAL C 54 -17.72 12.68 0.10
C VAL C 54 -18.88 13.67 0.28
N ARG C 55 -19.15 14.10 1.51
CA ARG C 55 -20.09 15.21 1.76
C ARG C 55 -19.59 16.17 2.85
N GLU C 56 -20.29 17.30 3.04
CA GLU C 56 -20.01 18.20 4.15
C GLU C 56 -20.56 17.63 5.44
N HIS C 57 -19.89 17.89 6.55
CA HIS C 57 -20.33 17.44 7.86
C HIS C 57 -20.66 18.61 8.80
N ARG C 58 -21.60 18.38 9.70
CA ARG C 58 -22.16 19.46 10.54
C ARG C 58 -21.19 19.92 11.62
N ASP C 59 -20.13 19.14 11.85
CA ASP C 59 -19.08 19.56 12.77
C ASP C 59 -18.08 20.52 12.15
N GLY C 60 -18.36 20.99 10.94
CA GLY C 60 -17.48 21.91 10.24
C GLY C 60 -16.11 21.31 9.91
N GLY C 61 -15.97 19.98 9.99
CA GLY C 61 -14.67 19.28 9.81
C GLY C 61 -13.91 18.85 11.06
N HIS C 62 -14.50 19.06 12.23
CA HIS C 62 -13.81 18.77 13.48
C HIS C 62 -13.26 17.36 13.59
N ALA C 63 -14.07 16.36 13.26
CA ALA C 63 -13.67 14.95 13.44
C ALA C 63 -12.76 14.41 12.31
N GLY C 64 -13.16 14.64 11.07
CA GLY C 64 -12.50 14.04 9.91
C GLY C 64 -11.58 14.95 9.11
N GLY C 65 -11.66 16.27 9.37
CA GLY C 65 -10.99 17.28 8.58
C GLY C 65 -11.86 18.05 7.60
N ILE C 66 -11.30 19.12 7.07
CA ILE C 66 -11.97 19.93 6.07
C ILE C 66 -11.48 19.48 4.67
N PHE C 67 -12.39 18.97 3.83
CA PHE C 67 -12.02 18.46 2.47
C PHE C 67 -13.26 18.21 1.65
N ASN C 68 -13.11 18.28 0.33
CA ASN C 68 -14.15 17.92 -0.63
C ASN C 68 -13.82 16.65 -1.45
N ARG C 69 -12.58 16.16 -1.36
CA ARG C 69 -12.13 14.98 -2.16
C ARG C 69 -10.87 14.37 -1.59
N TYR C 70 -10.52 13.17 -2.07
CA TYR C 70 -9.34 12.41 -1.64
C TYR C 70 -8.26 12.28 -2.70
N ASN C 71 -7.05 12.04 -2.22
CA ASN C 71 -6.00 11.45 -3.05
C ASN C 71 -5.84 9.92 -2.75
N ILE C 72 -6.24 9.06 -3.70
CA ILE C 72 -6.15 7.59 -3.53
C ILE C 72 -4.74 7.08 -3.87
N LEU C 73 -4.08 6.41 -2.93
CA LEU C 73 -2.68 5.97 -3.07
C LEU C 73 -2.51 4.48 -3.50
N LYS C 74 -3.40 3.62 -3.05
CA LYS C 74 -3.30 2.18 -3.30
C LYS C 74 -4.64 1.52 -3.02
N ILE C 75 -4.97 0.53 -3.84
CA ILE C 75 -6.12 -0.36 -3.62
C ILE C 75 -5.63 -1.81 -3.81
N GLN C 76 -5.80 -2.60 -2.75
CA GLN C 76 -5.36 -4.00 -2.73
C GLN C 76 -6.54 -4.92 -2.54
N LYS C 77 -6.56 -6.02 -3.30
CA LYS C 77 -7.51 -7.10 -3.11
C LYS C 77 -7.03 -8.01 -2.00
N VAL C 78 -7.90 -8.26 -1.03
CA VAL C 78 -7.58 -9.06 0.15
C VAL C 78 -8.09 -10.50 -0.08
N CYS C 79 -7.21 -11.50 -0.03
CA CYS C 79 -7.55 -12.91 -0.26
CA CYS C 79 -7.57 -12.90 -0.26
C CYS C 79 -7.20 -13.75 0.97
N ASN C 80 -8.17 -14.46 1.50
CA ASN C 80 -7.91 -15.39 2.59
C ASN C 80 -8.89 -16.55 2.43
N LYS C 81 -8.39 -17.74 2.05
CA LYS C 81 -9.27 -18.85 1.70
C LYS C 81 -10.15 -19.25 2.88
N LYS C 82 -9.54 -19.29 4.06
CA LYS C 82 -10.27 -19.66 5.27
C LYS C 82 -11.32 -18.58 5.64
N LEU C 83 -10.91 -17.31 5.65
CA LEU C 83 -11.86 -16.21 5.98
C LEU C 83 -13.00 -16.11 4.94
N TRP C 84 -12.69 -16.43 3.68
CA TRP C 84 -13.68 -16.45 2.62
C TRP C 84 -14.68 -17.58 2.80
N GLU C 85 -14.19 -18.78 3.11
CA GLU C 85 -15.06 -19.91 3.41
C GLU C 85 -15.94 -19.61 4.63
N ARG C 86 -15.40 -18.93 5.63
CA ARG C 86 -16.18 -18.46 6.78
C ARG C 86 -17.31 -17.48 6.34
N TYR C 87 -16.97 -16.52 5.48
CA TYR C 87 -17.96 -15.56 4.97
C TYR C 87 -19.04 -16.23 4.13
N THR C 88 -18.67 -17.08 3.17
CA THR C 88 -19.65 -17.74 2.28
C THR C 88 -20.54 -18.73 2.99
N HIS C 89 -19.99 -19.41 3.98
CA HIS C 89 -20.78 -20.25 4.87
C HIS C 89 -21.87 -19.42 5.55
N ARG C 90 -21.50 -18.27 6.12
CA ARG C 90 -22.48 -17.38 6.78
C ARG C 90 -23.45 -16.77 5.77
N ARG C 91 -22.95 -16.40 4.61
CA ARG C 91 -23.79 -15.79 3.61
C ARG C 91 -24.86 -16.77 3.15
N LYS C 92 -24.49 -18.04 3.07
CA LYS C 92 -25.41 -19.09 2.66
C LYS C 92 -26.48 -19.26 3.72
N GLU C 93 -26.08 -19.18 5.00
CA GLU C 93 -27.03 -19.23 6.12
C GLU C 93 -27.98 -18.04 6.12
N VAL C 94 -27.44 -16.84 5.91
CA VAL C 94 -28.25 -15.63 5.91
C VAL C 94 -29.18 -15.60 4.69
N SER C 95 -28.64 -15.98 3.54
CA SER C 95 -29.39 -15.96 2.31
C SER C 95 -30.58 -16.91 2.40
N GLU C 96 -30.34 -18.10 2.94
CA GLU C 96 -31.40 -19.07 3.20
C GLU C 96 -32.42 -18.53 4.19
N GLU C 97 -31.97 -17.85 5.26
CA GLU C 97 -32.89 -17.25 6.23
C GLU C 97 -33.71 -16.10 5.63
N ASN C 98 -33.15 -15.39 4.64
CA ASN C 98 -33.82 -14.24 4.03
C ASN C 98 -34.41 -14.60 2.66
N HIS C 99 -34.84 -15.85 2.55
CA HIS C 99 -35.58 -16.33 1.37
C HIS C 99 -34.81 -16.19 0.10
N ASN C 100 -33.57 -16.66 0.15
CA ASN C 100 -32.66 -16.68 -0.98
C ASN C 100 -32.24 -15.27 -1.41
N HIS C 101 -32.01 -14.39 -0.43
CA HIS C 101 -31.54 -13.02 -0.68
C HIS C 101 -30.54 -12.59 0.34
N ALA C 102 -29.27 -12.63 -0.04
CA ALA C 102 -28.20 -12.23 0.86
C ALA C 102 -28.22 -10.73 1.16
N ASN C 103 -28.73 -9.89 0.24
CA ASN C 103 -28.77 -8.41 0.40
C ASN C 103 -27.35 -7.90 0.66
N GLU C 104 -26.49 -8.31 -0.25
CA GLU C 104 -25.08 -8.08 -0.15
C GLU C 104 -24.75 -6.71 -0.76
N ARG C 105 -23.96 -5.91 -0.01
CA ARG C 105 -23.55 -4.58 -0.41
C ARG C 105 -22.05 -4.46 -0.35
N MET C 106 -21.54 -3.42 -0.99
CA MET C 106 -20.18 -2.97 -0.79
C MET C 106 -20.26 -1.64 0.00
N LEU C 107 -19.61 -1.62 1.17
CA LEU C 107 -19.69 -0.49 2.11
C LEU C 107 -18.35 -0.19 2.71
N PHE C 108 -18.18 1.05 3.18
CA PHE C 108 -16.91 1.47 3.78
C PHE C 108 -16.82 1.19 5.27
N HIS C 109 -15.59 0.98 5.75
CA HIS C 109 -15.30 0.86 7.18
C HIS C 109 -13.96 1.48 7.52
N GLY C 110 -13.94 2.42 8.49
CA GLY C 110 -12.70 3.06 8.91
C GLY C 110 -12.37 2.77 10.36
N SER C 111 -11.15 2.37 10.67
CA SER C 111 -10.77 2.21 12.07
C SER C 111 -9.29 2.09 12.23
N PRO C 112 -8.79 2.38 13.45
CA PRO C 112 -7.37 2.15 13.69
C PRO C 112 -6.95 0.68 13.58
N PHE C 113 -7.89 -0.25 13.40
CA PHE C 113 -7.55 -1.67 13.51
C PHE C 113 -7.62 -2.44 12.19
N VAL C 114 -7.61 -1.73 11.07
CA VAL C 114 -7.84 -2.38 9.77
C VAL C 114 -6.83 -3.53 9.48
N ASN C 115 -5.60 -3.40 9.95
CA ASN C 115 -4.60 -4.42 9.61
C ASN C 115 -4.78 -5.70 10.44
N ALA C 116 -5.43 -5.61 11.60
CA ALA C 116 -5.91 -6.80 12.33
C ALA C 116 -7.09 -7.48 11.62
N ILE C 117 -8.01 -6.67 11.10
CA ILE C 117 -9.21 -7.16 10.42
C ILE C 117 -8.88 -8.05 9.20
N ILE C 118 -7.96 -7.60 8.38
CA ILE C 118 -7.65 -8.35 7.17
C ILE C 118 -7.02 -9.73 7.42
N HIS C 119 -6.39 -9.91 8.58
CA HIS C 119 -5.73 -11.19 8.94
C HIS C 119 -6.56 -12.12 9.74
N LYS C 120 -7.31 -11.58 10.70
CA LYS C 120 -8.08 -12.39 11.62
C LYS C 120 -9.59 -12.27 11.41
N GLY C 121 -10.02 -11.28 10.63
CA GLY C 121 -11.44 -11.07 10.36
C GLY C 121 -12.08 -10.03 11.26
N PHE C 122 -13.31 -9.64 10.93
CA PHE C 122 -14.09 -8.80 11.82
C PHE C 122 -14.51 -9.65 13.02
N ASP C 123 -14.65 -9.02 14.18
CA ASP C 123 -15.26 -9.66 15.38
C ASP C 123 -15.54 -8.63 16.48
N GLU C 124 -16.01 -9.05 17.66
CA GLU C 124 -16.32 -8.12 18.79
C GLU C 124 -15.33 -6.95 19.05
N ARG C 125 -14.03 -7.15 18.80
CA ARG C 125 -13.02 -6.10 19.03
C ARG C 125 -13.23 -4.85 18.16
N HIS C 126 -14.09 -4.98 17.16
CA HIS C 126 -14.31 -3.90 16.19
C HIS C 126 -15.70 -3.28 16.33
N ALA C 127 -16.29 -3.40 17.52
CA ALA C 127 -17.69 -2.99 17.78
C ALA C 127 -17.84 -1.68 18.54
N TYR C 128 -18.41 -0.68 17.86
CA TYR C 128 -18.61 0.67 18.41
C TYR C 128 -19.71 0.63 19.47
N ILE C 129 -19.31 0.62 20.73
CA ILE C 129 -20.26 0.40 21.83
C ILE C 129 -21.20 1.59 21.98
N GLY C 130 -20.70 2.81 21.75
CA GLY C 130 -21.51 4.00 21.90
C GLY C 130 -22.09 4.57 20.61
N GLY C 131 -22.30 3.74 19.60
CA GLY C 131 -22.89 4.24 18.36
C GLY C 131 -24.38 4.50 18.52
N MET C 132 -24.89 5.46 17.76
CA MET C 132 -26.31 5.83 17.74
C MET C 132 -27.28 4.71 17.35
N PHE C 133 -26.80 3.61 16.77
CA PHE C 133 -27.66 2.51 16.33
C PHE C 133 -27.35 1.21 17.02
N GLY C 134 -26.81 1.30 18.23
CA GLY C 134 -26.47 0.11 19.02
C GLY C 134 -25.02 -0.31 18.87
N ALA C 135 -24.60 -1.24 19.74
CA ALA C 135 -23.24 -1.77 19.76
C ALA C 135 -23.02 -2.90 18.73
N GLY C 136 -22.44 -2.54 17.60
CA GLY C 136 -22.13 -3.50 16.56
C GLY C 136 -21.01 -2.97 15.68
N ILE C 137 -20.84 -3.61 14.53
CA ILE C 137 -19.80 -3.22 13.59
C ILE C 137 -20.47 -2.33 12.54
N TYR C 138 -19.96 -1.10 12.42
CA TYR C 138 -20.58 -0.03 11.64
C TYR C 138 -19.89 0.12 10.28
N PHE C 139 -20.69 0.38 9.25
CA PHE C 139 -20.23 0.60 7.91
C PHE C 139 -20.97 1.84 7.37
N ALA C 140 -20.42 2.49 6.35
CA ALA C 140 -21.03 3.71 5.80
C ALA C 140 -21.07 3.70 4.29
N GLU C 141 -22.12 4.31 3.75
CA GLU C 141 -22.18 4.60 2.32
C GLU C 141 -21.34 5.83 1.97
N ASN C 142 -21.24 6.83 2.86
CA ASN C 142 -20.38 8.01 2.61
C ASN C 142 -18.98 7.65 3.02
N SER C 143 -18.05 7.65 2.09
CA SER C 143 -16.67 7.44 2.44
C SER C 143 -16.22 8.44 3.52
N SER C 144 -16.70 9.70 3.47
CA SER C 144 -16.31 10.77 4.41
C SER C 144 -16.84 10.54 5.82
N LYS C 145 -17.90 9.77 5.94
CA LYS C 145 -18.37 9.35 7.26
C LYS C 145 -17.37 8.36 7.90
N SER C 146 -16.98 7.29 7.16
CA SER C 146 -15.98 6.33 7.67
C SER C 146 -14.64 7.01 7.95
N ASN C 147 -14.31 8.03 7.16
CA ASN C 147 -13.10 8.81 7.39
C ASN C 147 -13.05 9.47 8.78
N GLN C 148 -14.20 9.88 9.30
CA GLN C 148 -14.27 10.44 10.67
C GLN C 148 -13.83 9.45 11.76
N TYR C 149 -13.73 8.15 11.45
CA TYR C 149 -13.39 7.09 12.42
C TYR C 149 -11.99 6.45 12.24
N VAL C 150 -11.32 6.79 11.16
CA VAL C 150 -9.99 6.24 10.89
C VAL C 150 -9.02 6.41 12.07
N TYR C 151 -9.04 7.58 12.71
CA TYR C 151 -8.16 7.86 13.87
C TYR C 151 -8.83 7.65 15.22
N GLY C 152 -10.00 7.04 15.22
CA GLY C 152 -10.69 6.70 16.44
C GLY C 152 -12.01 7.40 16.47
N ILE C 153 -12.77 7.20 17.55
CA ILE C 153 -14.08 7.84 17.71
C ILE C 153 -13.94 9.37 17.78
N GLY C 154 -14.75 10.06 17.00
CA GLY C 154 -14.71 11.52 16.94
C GLY C 154 -13.42 12.06 16.32
N GLY C 155 -12.71 11.20 15.58
CA GLY C 155 -11.38 11.50 15.07
C GLY C 155 -10.25 11.32 16.10
N GLY C 156 -10.58 10.89 17.30
CA GLY C 156 -9.62 10.78 18.40
C GLY C 156 -8.82 12.04 18.56
N THR C 157 -7.50 11.88 18.68
CA THR C 157 -6.58 13.01 18.71
C THR C 157 -5.98 13.31 17.32
N GLY C 158 -6.54 12.69 16.27
CA GLY C 158 -6.08 12.89 14.91
C GLY C 158 -4.90 11.98 14.58
N CYS C 159 -4.12 12.38 13.59
CA CYS C 159 -3.04 11.51 13.14
C CYS C 159 -2.03 11.33 14.28
N PRO C 160 -1.36 10.15 14.35
CA PRO C 160 -0.33 9.89 15.36
C PRO C 160 0.79 10.91 15.35
N VAL C 161 1.21 11.32 14.16
CA VAL C 161 2.36 12.20 14.03
C VAL C 161 2.11 13.65 14.41
N HIS C 162 0.97 14.22 14.01
CA HIS C 162 0.71 15.66 14.22
C HIS C 162 -0.42 15.99 15.18
N LYS C 163 -1.16 14.98 15.61
CA LYS C 163 -2.37 15.18 16.41
C LYS C 163 -3.31 16.19 15.73
N ASP C 164 -3.55 15.98 14.44
CA ASP C 164 -4.36 16.87 13.65
C ASP C 164 -5.41 16.01 12.96
N ARG C 165 -6.67 16.25 13.32
CA ARG C 165 -7.76 15.50 12.77
C ARG C 165 -7.98 15.88 11.31
N SER C 166 -7.49 17.08 10.94
CA SER C 166 -7.55 17.51 9.57
C SER C 166 -6.21 17.40 8.84
N CYS C 167 -5.37 16.46 9.25
CA CYS C 167 -4.03 16.29 8.67
C CYS C 167 -4.14 15.96 7.19
N TYR C 168 -3.48 16.74 6.35
CA TYR C 168 -3.43 16.50 4.92
C TYR C 168 -2.16 15.74 4.47
N ILE C 169 -1.34 15.32 5.43
CA ILE C 169 -0.05 14.66 5.15
C ILE C 169 -0.08 13.14 5.36
N CYS C 170 -0.57 12.71 6.51
CA CYS C 170 -0.49 11.31 6.90
C CYS C 170 -1.46 10.41 6.13
N HIS C 171 -1.02 9.18 5.88
CA HIS C 171 -1.75 8.20 5.09
C HIS C 171 -2.79 7.56 5.90
N ARG C 172 -4.00 7.50 5.38
CA ARG C 172 -5.14 6.91 6.04
C ARG C 172 -5.51 5.60 5.32
N GLN C 173 -6.15 4.67 6.01
CA GLN C 173 -6.61 3.45 5.35
C GLN C 173 -8.06 3.19 5.66
N LEU C 174 -8.84 2.84 4.63
CA LEU C 174 -10.25 2.42 4.77
C LEU C 174 -10.37 1.03 4.16
N LEU C 175 -11.38 0.28 4.59
CA LEU C 175 -11.73 -0.95 3.94
C LEU C 175 -13.02 -0.70 3.16
N PHE C 176 -13.13 -1.35 2.00
CA PHE C 176 -14.35 -1.39 1.20
C PHE C 176 -14.72 -2.88 1.22
N CYS C 177 -15.82 -3.19 1.89
CA CYS C 177 -16.09 -4.56 2.31
C CYS C 177 -17.38 -5.08 1.73
N ARG C 178 -17.37 -6.39 1.46
CA ARG C 178 -18.55 -7.12 1.06
C ARG C 178 -19.31 -7.42 2.35
N VAL C 179 -20.54 -6.93 2.49
CA VAL C 179 -21.28 -6.99 3.74
C VAL C 179 -22.63 -7.62 3.42
N THR C 180 -22.97 -8.68 4.15
CA THR C 180 -24.24 -9.38 3.97
C THR C 180 -25.19 -8.67 4.94
N LEU C 181 -26.20 -7.97 4.44
CA LEU C 181 -27.14 -7.24 5.32
C LEU C 181 -28.34 -8.09 5.71
N GLY C 182 -28.69 -9.05 4.86
CA GLY C 182 -29.87 -9.86 5.05
C GLY C 182 -31.08 -8.95 5.14
N LYS C 183 -31.98 -9.31 6.04
CA LYS C 183 -33.09 -8.45 6.43
C LYS C 183 -32.56 -7.33 7.33
N SER C 184 -32.61 -6.08 6.86
CA SER C 184 -32.06 -4.94 7.58
C SER C 184 -33.15 -4.03 8.20
N PHE C 185 -33.01 -3.72 9.48
CA PHE C 185 -33.96 -2.82 10.16
C PHE C 185 -33.70 -1.34 9.85
N LEU C 186 -34.69 -0.64 9.29
CA LEU C 186 -34.57 0.79 8.96
C LEU C 186 -34.78 1.76 10.13
N GLN C 187 -33.76 2.52 10.51
CA GLN C 187 -33.85 3.49 11.62
C GLN C 187 -33.55 4.89 11.09
N PHE C 188 -34.54 5.80 11.13
CA PHE C 188 -34.29 7.22 10.79
C PHE C 188 -33.59 7.91 11.97
N SER C 189 -32.67 8.81 11.68
CA SER C 189 -31.97 9.55 12.74
C SER C 189 -32.09 11.04 12.50
N ALA C 190 -31.96 11.80 13.57
CA ALA C 190 -32.14 13.24 13.53
C ALA C 190 -30.94 13.99 12.94
N MET C 191 -29.86 13.26 12.64
CA MET C 191 -28.69 13.84 11.97
C MET C 191 -29.03 14.34 10.55
N MET D 2 -20.80 -6.81 22.50
CA MET D 2 -21.47 -6.64 21.18
C MET D 2 -22.96 -7.03 21.26
N ALA D 3 -23.83 -6.12 20.80
CA ALA D 3 -25.28 -6.33 20.85
C ALA D 3 -25.75 -7.38 19.85
N HIS D 4 -27.06 -7.63 19.84
CA HIS D 4 -27.65 -8.53 18.86
C HIS D 4 -28.48 -7.72 17.93
N SER D 5 -28.78 -8.32 16.77
CA SER D 5 -29.60 -7.65 15.76
C SER D 5 -30.97 -7.43 16.35
N PRO D 6 -31.75 -6.52 15.73
CA PRO D 6 -33.17 -6.52 16.04
C PRO D 6 -33.72 -7.92 15.74
N PRO D 7 -34.56 -8.48 16.63
CA PRO D 7 -35.09 -9.81 16.33
C PRO D 7 -35.61 -9.92 14.89
N GLY D 8 -35.24 -11.00 14.22
CA GLY D 8 -35.68 -11.27 12.86
C GLY D 8 -34.86 -10.58 11.79
N HIS D 9 -33.85 -9.80 12.21
CA HIS D 9 -33.07 -8.98 11.28
C HIS D 9 -31.62 -9.37 11.39
N HIS D 10 -30.87 -9.16 10.32
CA HIS D 10 -29.44 -9.49 10.28
C HIS D 10 -28.57 -8.26 10.35
N SER D 11 -29.18 -7.08 10.35
CA SER D 11 -28.49 -5.78 10.37
C SER D 11 -29.43 -4.57 10.64
N VAL D 12 -28.82 -3.40 10.85
CA VAL D 12 -29.54 -2.13 11.01
C VAL D 12 -29.09 -1.12 9.95
N THR D 13 -30.07 -0.46 9.33
CA THR D 13 -29.87 0.67 8.41
C THR D 13 -30.21 2.00 9.10
N GLY D 14 -29.19 2.83 9.32
CA GLY D 14 -29.38 4.14 9.96
C GLY D 14 -29.39 5.27 8.94
N ARG D 15 -30.55 5.89 8.73
CA ARG D 15 -30.76 6.83 7.63
C ARG D 15 -31.04 8.25 8.12
N PRO D 16 -30.12 9.19 7.86
CA PRO D 16 -30.30 10.59 8.27
C PRO D 16 -31.55 11.25 7.66
N SER D 17 -32.31 11.99 8.47
CA SER D 17 -33.54 12.65 7.99
C SER D 17 -33.57 14.19 8.05
N VAL D 18 -32.55 14.81 8.64
CA VAL D 18 -32.48 16.28 8.73
C VAL D 18 -31.56 16.81 7.63
N ASN D 19 -30.36 16.24 7.54
CA ASN D 19 -29.47 16.53 6.44
C ASN D 19 -29.80 15.65 5.21
N GLY D 20 -30.41 16.26 4.21
CA GLY D 20 -30.85 15.52 3.03
C GLY D 20 -29.73 15.01 2.13
N LEU D 21 -28.51 15.53 2.30
CA LEU D 21 -27.37 15.02 1.55
C LEU D 21 -26.60 13.89 2.26
N ALA D 22 -26.94 13.56 3.50
CA ALA D 22 -26.18 12.51 4.22
C ALA D 22 -26.71 11.12 3.85
N LEU D 23 -25.79 10.21 3.50
CA LEU D 23 -26.17 8.82 3.13
C LEU D 23 -26.25 7.89 4.34
N ALA D 24 -26.61 6.64 4.13
CA ALA D 24 -26.89 5.74 5.24
C ALA D 24 -25.63 5.17 5.91
N GLU D 25 -25.80 4.79 7.18
CA GLU D 25 -24.83 4.00 7.92
C GLU D 25 -25.46 2.63 8.19
N TYR D 26 -24.66 1.56 8.29
CA TYR D 26 -25.16 0.19 8.50
C TYR D 26 -24.43 -0.50 9.64
N VAL D 27 -25.16 -1.32 10.38
CA VAL D 27 -24.59 -2.05 11.52
C VAL D 27 -24.85 -3.55 11.39
N ILE D 28 -23.80 -4.36 11.57
CA ILE D 28 -23.91 -5.82 11.69
C ILE D 28 -23.43 -6.27 13.07
N TYR D 29 -23.85 -7.46 13.46
CA TYR D 29 -23.59 -7.96 14.80
C TYR D 29 -22.76 -9.28 14.82
N ARG D 30 -22.39 -9.79 13.66
CA ARG D 30 -21.54 -10.99 13.51
C ARG D 30 -20.37 -10.65 12.58
N GLY D 31 -19.14 -10.94 13.00
CA GLY D 31 -17.97 -10.65 12.17
C GLY D 31 -17.95 -11.39 10.84
N GLU D 32 -18.50 -12.61 10.84
CA GLU D 32 -18.56 -13.42 9.63
C GLU D 32 -19.43 -12.85 8.51
N GLN D 33 -20.22 -11.81 8.80
CA GLN D 33 -21.07 -11.21 7.76
C GLN D 33 -20.43 -10.11 6.96
N ALA D 34 -19.11 -9.96 7.10
CA ALA D 34 -18.38 -8.98 6.32
C ALA D 34 -17.08 -9.62 5.89
N TYR D 35 -16.68 -9.37 4.65
CA TYR D 35 -15.41 -9.85 4.16
C TYR D 35 -14.69 -8.62 3.62
N PRO D 36 -13.50 -8.31 4.17
CA PRO D 36 -12.82 -7.08 3.77
C PRO D 36 -12.18 -7.25 2.41
N GLU D 37 -12.91 -6.94 1.35
CA GLU D 37 -12.47 -7.29 0.02
C GLU D 37 -11.38 -6.39 -0.54
N TYR D 38 -11.41 -5.10 -0.20
CA TYR D 38 -10.40 -4.13 -0.64
C TYR D 38 -9.85 -3.25 0.49
N LEU D 39 -8.54 -3.10 0.52
CA LEU D 39 -7.85 -2.21 1.46
C LEU D 39 -7.42 -0.98 0.68
N ILE D 40 -7.96 0.18 1.05
CA ILE D 40 -7.70 1.46 0.37
C ILE D 40 -6.83 2.40 1.23
N THR D 41 -5.69 2.79 0.67
CA THR D 41 -4.79 3.78 1.28
C THR D 41 -4.94 5.14 0.59
N TYR D 42 -5.11 6.23 1.38
CA TYR D 42 -5.43 7.58 0.87
C TYR D 42 -5.03 8.76 1.79
N GLN D 43 -5.10 9.98 1.24
CA GLN D 43 -5.05 11.23 2.00
C GLN D 43 -6.30 12.06 1.71
N ILE D 44 -6.77 12.85 2.69
CA ILE D 44 -7.75 13.93 2.42
C ILE D 44 -7.03 15.13 1.79
N MET D 45 -7.72 15.88 0.93
CA MET D 45 -7.11 17.06 0.25
C MET D 45 -7.67 18.42 0.74
N ARG D 46 -6.79 19.40 1.03
CA ARG D 46 -7.23 20.76 1.44
C ARG D 46 -7.96 21.50 0.29
N PRO D 47 -9.16 22.06 0.55
CA PRO D 47 -9.93 22.70 -0.52
C PRO D 47 -9.22 23.92 -1.14
N GLU D 48 -9.43 24.08 -2.45
CA GLU D 48 -8.69 24.99 -3.34
C GLU D 48 -7.37 24.40 -3.77
ZN ZN E . 10.74 -18.61 -17.41
S SO4 F . 4.83 -5.85 0.72
O1 SO4 F . 5.54 -4.76 1.41
O2 SO4 F . 4.97 -7.02 1.62
O3 SO4 F . 3.45 -5.39 0.54
O4 SO4 F . 5.45 -6.11 -0.56
S SO4 G . 15.19 -23.45 0.91
O1 SO4 G . 13.93 -22.83 1.34
O2 SO4 G . 16.23 -23.21 1.93
O3 SO4 G . 14.92 -24.90 0.75
O4 SO4 G . 15.64 -22.87 -0.38
CAM 16S H . 10.44 0.63 -11.35
CAL 16S H . 9.87 1.04 -12.57
OAR 16S H . 10.56 1.12 -13.74
CAP 16S H . 8.51 1.40 -12.64
OAS 16S H . 8.03 1.78 -13.86
CAO 16S H . 7.73 1.36 -11.51
CAN 16S H . 8.30 0.96 -10.29
CAK 16S H . 9.65 0.58 -10.18
CAJ 16S H . 10.15 0.20 -8.91
OAG 16S H . 9.30 0.46 -7.87
CAF 16S H . 9.69 0.25 -6.56
CAA 16S H . 8.82 0.62 -5.54
CAB 16S H . 9.23 0.43 -4.22
CAC 16S H . 10.49 -0.10 -3.94
CAD 16S H . 11.36 -0.49 -4.99
CAE 16S H . 10.93 -0.31 -6.31
CAH 16S H . 11.77 -0.67 -7.36
OAQ 16S H . 12.82 -1.28 -7.14
CAI 16S H . 11.38 -0.40 -8.67
C1 GOL I . 5.32 -1.84 13.49
O1 GOL I . 6.18 -2.90 13.89
C2 GOL I . 6.18 -0.66 13.04
O2 GOL I . 5.88 -0.38 11.66
C3 GOL I . 5.90 0.55 13.93
O3 GOL I . 5.56 0.12 15.27
ZN ZN J . -0.38 13.89 10.33
S SO4 K . -22.30 14.81 10.44
O1 SO4 K . -23.16 14.82 11.63
O2 SO4 K . -21.02 15.37 10.93
O3 SO4 K . -22.05 13.46 9.97
O4 SO4 K . -22.80 15.66 9.35
S SO4 L . -11.35 21.38 -4.03
O1 SO4 L . -10.45 22.52 -4.27
O2 SO4 L . -10.56 20.29 -3.40
O3 SO4 L . -12.44 21.83 -3.14
O4 SO4 L . -11.94 20.92 -5.29
CAM 16S M . -14.84 1.62 14.07
CAL 16S M . -14.21 1.16 15.23
OAR 16S M . -13.18 0.28 15.21
CAP 16S M . -14.63 1.58 16.49
OAS 16S M . -13.93 1.08 17.56
CAO 16S M . -15.68 2.48 16.59
CAN 16S M . -16.32 2.93 15.43
CAK 16S M . -15.92 2.50 14.15
CAJ 16S M . -16.60 2.98 13.01
OAG 16S M . -17.73 3.69 13.28
CAF 16S M . -18.53 4.15 12.27
CAA 16S M . -19.71 4.81 12.58
CAB 16S M . -20.55 5.26 11.56
CAC 16S M . -20.18 5.03 10.23
CAD 16S M . -18.98 4.37 9.92
CAE 16S M . -18.13 3.95 10.94
CAH 16S M . -16.94 3.29 10.64
OAQ 16S M . -16.56 3.14 9.47
CAI 16S M . -16.20 2.75 11.69
#